data_1FNF
#
_entry.id   1FNF
#
_cell.length_a   64.050
_cell.length_b   60.670
_cell.length_c   58.440
_cell.angle_alpha   90.00
_cell.angle_beta   103.00
_cell.angle_gamma   90.00
#
_symmetry.space_group_name_H-M   'P 1 21 1'
#
loop_
_entity.id
_entity.type
_entity.pdbx_description
1 polymer FIBRONECTIN
2 water water
#
_entity_poly.entity_id   1
_entity_poly.type   'polypeptide(L)'
_entity_poly.pdbx_seq_one_letter_code
;PLSPPTNLHLEANPDTGVLTVSWERSTTPDITGYRITTTPTNGQQGNSLEEVVHADQSSCTFDNLSPGLEYNVSVYTVKD
DKESVPISDTIIPAVPPPTDLRFTNIGPDTMRVTWAPPPSIDLTNFLVRYSPVKNEEDVAELSISPSDNAVVLTNLLPGT
EYVVSVSSVYEQHESTPLRGRQKTGLDSPTGIDFSDITANSFTVHWIAPRATITGYRIRHHPEHFSGRPREDRVPHSRNS
ITLTNLTPGTEYVVSIVALNGREESPLLIGQQSTVSDVPRDLEVVAATPTSLLISWDAPAVTVRYYRITYGETGGNSPVQ
EFTVPGSKSTATISGLKPGVDYTITVYAVTGRGDSPASSKPISINYRT
;
_entity_poly.pdbx_strand_id   A
#
# COMPACT_ATOMS: atom_id res chain seq x y z
N PRO A 1 -61.51 -29.56 32.16
CA PRO A 1 -60.70 -28.44 31.62
C PRO A 1 -59.41 -28.98 31.05
N LEU A 2 -58.63 -28.10 30.44
CA LEU A 2 -57.36 -28.50 29.84
C LEU A 2 -56.21 -27.88 30.60
N SER A 3 -55.15 -28.64 30.80
CA SER A 3 -53.97 -28.13 31.50
C SER A 3 -53.13 -27.53 30.38
N PRO A 4 -52.59 -26.34 30.61
CA PRO A 4 -51.77 -25.65 29.61
C PRO A 4 -50.38 -26.27 29.43
N PRO A 5 -49.63 -25.83 28.40
CA PRO A 5 -48.30 -26.40 28.23
C PRO A 5 -47.46 -25.79 29.35
N THR A 6 -46.30 -26.36 29.61
CA THR A 6 -45.41 -25.83 30.63
C THR A 6 -44.04 -25.80 30.00
N ASN A 7 -43.05 -25.29 30.72
CA ASN A 7 -41.68 -25.26 30.24
C ASN A 7 -41.59 -24.64 28.85
N LEU A 8 -42.03 -23.38 28.75
CA LEU A 8 -42.02 -22.66 27.49
C LEU A 8 -40.61 -22.14 27.23
N HIS A 9 -40.13 -22.34 26.01
CA HIS A 9 -38.80 -21.87 25.62
C HIS A 9 -38.91 -21.04 24.35
N LEU A 10 -38.28 -19.86 24.37
CA LEU A 10 -38.29 -18.95 23.23
C LEU A 10 -36.86 -18.76 22.72
N GLU A 11 -36.62 -19.12 21.46
CA GLU A 11 -35.29 -19.00 20.86
C GLU A 11 -35.32 -18.17 19.60
N ALA A 12 -34.81 -16.94 19.68
CA ALA A 12 -34.78 -16.03 18.54
C ALA A 12 -33.40 -16.03 17.90
N ASN A 13 -33.37 -16.28 16.59
CA ASN A 13 -32.12 -16.27 15.85
C ASN A 13 -31.56 -14.86 15.85
N PRO A 14 -30.27 -14.69 16.17
CA PRO A 14 -29.58 -13.39 16.22
C PRO A 14 -29.95 -12.50 15.04
N ASP A 15 -29.79 -13.03 13.84
CA ASP A 15 -30.17 -12.33 12.62
C ASP A 15 -31.66 -12.67 12.50
N THR A 16 -32.45 -11.95 13.29
CA THR A 16 -33.90 -12.16 13.36
C THR A 16 -34.63 -12.62 12.12
N GLY A 17 -35.29 -13.76 12.29
CA GLY A 17 -36.07 -14.39 11.25
C GLY A 17 -36.79 -15.52 11.95
N VAL A 18 -36.05 -16.59 12.23
CA VAL A 18 -36.58 -17.77 12.90
C VAL A 18 -36.62 -17.59 14.41
N LEU A 19 -37.79 -17.83 14.99
CA LEU A 19 -38.00 -17.76 16.43
C LEU A 19 -38.65 -19.09 16.78
N THR A 20 -37.88 -19.98 17.40
CA THR A 20 -38.40 -21.29 17.76
C THR A 20 -39.08 -21.33 19.13
N VAL A 21 -40.37 -21.71 19.11
CA VAL A 21 -41.18 -21.82 20.32
C VAL A 21 -41.29 -23.30 20.70
N SER A 22 -40.86 -23.66 21.90
CA SER A 22 -40.92 -25.04 22.37
C SER A 22 -41.58 -25.12 23.75
N TRP A 23 -42.25 -26.23 24.02
CA TRP A 23 -42.91 -26.38 25.30
C TRP A 23 -43.08 -27.84 25.70
N GLU A 24 -43.34 -28.03 26.98
CA GLU A 24 -43.59 -29.36 27.52
C GLU A 24 -45.08 -29.54 27.20
N ARG A 25 -45.46 -30.70 26.70
CA ARG A 25 -46.84 -30.94 26.34
C ARG A 25 -47.80 -30.92 27.55
N SER A 26 -49.07 -30.62 27.29
CA SER A 26 -50.12 -30.61 28.31
C SER A 26 -50.19 -32.03 28.91
N THR A 27 -50.68 -32.12 30.14
CA THR A 27 -50.81 -33.42 30.78
C THR A 27 -52.26 -33.92 30.70
N THR A 28 -53.07 -33.22 29.90
CA THR A 28 -54.46 -33.59 29.68
C THR A 28 -54.49 -34.47 28.46
N PRO A 29 -55.07 -35.67 28.56
CA PRO A 29 -55.11 -36.54 27.37
C PRO A 29 -56.30 -36.18 26.47
N ASP A 30 -56.31 -36.72 25.25
CA ASP A 30 -57.40 -36.52 24.31
C ASP A 30 -57.62 -35.12 23.75
N ILE A 31 -56.54 -34.33 23.66
CA ILE A 31 -56.62 -33.01 23.11
C ILE A 31 -56.32 -33.07 21.59
N THR A 32 -56.63 -32.00 20.86
CA THR A 32 -56.43 -31.98 19.41
C THR A 32 -55.30 -31.13 18.82
N GLY A 33 -54.62 -30.34 19.64
CA GLY A 33 -53.54 -29.53 19.13
C GLY A 33 -53.07 -28.45 20.07
N TYR A 34 -52.34 -27.50 19.50
CA TYR A 34 -51.82 -26.35 20.23
C TYR A 34 -51.83 -25.14 19.34
N ARG A 35 -52.19 -23.99 19.89
CA ARG A 35 -52.22 -22.76 19.11
C ARG A 35 -51.25 -21.78 19.76
N ILE A 36 -50.41 -21.18 18.94
CA ILE A 36 -49.39 -20.23 19.39
C ILE A 36 -49.59 -18.85 18.76
N THR A 37 -49.26 -17.80 19.51
CA THR A 37 -49.43 -16.44 19.03
C THR A 37 -48.24 -15.54 19.40
N THR A 38 -47.93 -14.58 18.53
CA THR A 38 -46.84 -13.62 18.76
C THR A 38 -47.44 -12.23 18.59
N THR A 39 -47.27 -11.37 19.59
CA THR A 39 -47.81 -10.02 19.51
C THR A 39 -46.89 -9.01 20.17
N PRO A 40 -46.72 -7.83 19.55
CA PRO A 40 -45.87 -6.77 20.10
C PRO A 40 -46.30 -6.38 21.50
N THR A 41 -45.38 -6.50 22.46
CA THR A 41 -45.68 -6.19 23.85
C THR A 41 -46.28 -4.81 24.12
N ASN A 42 -47.17 -4.77 25.11
CA ASN A 42 -47.87 -3.56 25.56
C ASN A 42 -48.84 -2.96 24.55
N GLY A 43 -48.95 -3.60 23.38
CA GLY A 43 -49.86 -3.11 22.36
C GLY A 43 -49.21 -2.06 21.49
N GLN A 44 -48.55 -2.50 20.43
CA GLN A 44 -47.87 -1.60 19.51
C GLN A 44 -47.94 -2.16 18.09
N GLN A 45 -47.54 -1.36 17.11
CA GLN A 45 -47.56 -1.80 15.72
C GLN A 45 -46.37 -2.69 15.42
N GLY A 46 -46.67 -3.91 14.99
CA GLY A 46 -45.65 -4.88 14.66
C GLY A 46 -46.32 -5.99 13.90
N ASN A 47 -45.80 -7.21 14.04
CA ASN A 47 -46.37 -8.35 13.34
C ASN A 47 -46.99 -9.42 14.25
N SER A 48 -48.23 -9.20 14.66
CA SER A 48 -48.95 -10.15 15.50
C SER A 48 -49.30 -11.33 14.60
N LEU A 49 -48.77 -12.49 14.93
CA LEU A 49 -49.01 -13.70 14.15
C LEU A 49 -49.63 -14.80 15.00
N GLU A 50 -49.89 -15.94 14.37
CA GLU A 50 -50.46 -17.10 15.03
C GLU A 50 -50.07 -18.31 14.23
N GLU A 51 -50.03 -19.45 14.89
CA GLU A 51 -49.66 -20.71 14.26
C GLU A 51 -50.33 -21.85 15.03
N VAL A 52 -50.65 -22.94 14.36
CA VAL A 52 -51.29 -24.08 15.02
C VAL A 52 -50.55 -25.38 14.71
N VAL A 53 -50.36 -26.21 15.73
CA VAL A 53 -49.67 -27.50 15.56
C VAL A 53 -50.58 -28.64 16.01
N HIS A 54 -50.10 -29.87 15.87
CA HIS A 54 -50.86 -31.05 16.26
C HIS A 54 -50.55 -31.38 17.71
N ALA A 55 -51.33 -32.29 18.27
CA ALA A 55 -51.17 -32.70 19.66
C ALA A 55 -49.84 -33.35 19.93
N ASP A 56 -49.34 -34.11 18.96
CA ASP A 56 -48.05 -34.79 19.10
C ASP A 56 -46.85 -33.87 18.92
N GLN A 57 -47.11 -32.67 18.39
CA GLN A 57 -46.08 -31.67 18.15
C GLN A 57 -45.90 -30.79 19.39
N SER A 58 -44.66 -30.45 19.69
CA SER A 58 -44.36 -29.59 20.84
C SER A 58 -43.42 -28.43 20.51
N SER A 59 -43.48 -27.96 19.26
CA SER A 59 -42.63 -26.87 18.84
C SER A 59 -43.09 -26.29 17.51
N CYS A 60 -42.97 -24.97 17.38
CA CYS A 60 -43.34 -24.26 16.16
C CYS A 60 -42.34 -23.11 15.96
N THR A 61 -42.24 -22.62 14.73
CA THR A 61 -41.30 -21.54 14.43
C THR A 61 -42.05 -20.34 13.87
N PHE A 62 -41.55 -19.15 14.16
CA PHE A 62 -42.13 -17.92 13.66
C PHE A 62 -41.07 -17.20 12.88
N ASP A 63 -40.78 -17.72 11.69
CA ASP A 63 -39.77 -17.16 10.79
C ASP A 63 -40.29 -15.92 10.07
N ASN A 64 -40.70 -14.92 10.83
CA ASN A 64 -41.24 -13.69 10.27
C ASN A 64 -41.50 -12.62 11.32
N LEU A 65 -40.56 -12.42 12.24
CA LEU A 65 -40.71 -11.41 13.26
C LEU A 65 -39.87 -10.16 12.98
N SER A 66 -40.25 -9.05 13.60
CA SER A 66 -39.55 -7.80 13.43
C SER A 66 -38.43 -7.66 14.48
N PRO A 67 -37.17 -7.67 14.02
CA PRO A 67 -35.96 -7.56 14.86
C PRO A 67 -35.94 -6.36 15.79
N GLY A 68 -35.29 -6.52 16.93
CA GLY A 68 -35.17 -5.44 17.90
C GLY A 68 -36.48 -4.88 18.43
N LEU A 69 -37.50 -5.72 18.50
CA LEU A 69 -38.82 -5.33 19.00
C LEU A 69 -39.26 -6.40 20.00
N GLU A 70 -40.11 -6.04 20.96
CA GLU A 70 -40.57 -7.03 21.93
C GLU A 70 -41.90 -7.68 21.54
N TYR A 71 -41.96 -9.00 21.73
CA TYR A 71 -43.14 -9.80 21.44
C TYR A 71 -43.51 -10.70 22.61
N ASN A 72 -44.81 -10.91 22.79
CA ASN A 72 -45.29 -11.80 23.84
C ASN A 72 -45.82 -13.04 23.12
N VAL A 73 -45.25 -14.18 23.47
CA VAL A 73 -45.65 -15.44 22.88
C VAL A 73 -46.50 -16.23 23.85
N SER A 74 -47.63 -16.73 23.36
CA SER A 74 -48.56 -17.50 24.16
C SER A 74 -48.90 -18.81 23.45
N VAL A 75 -48.88 -19.90 24.21
CA VAL A 75 -49.21 -21.20 23.65
C VAL A 75 -50.40 -21.74 24.45
N TYR A 76 -51.41 -22.22 23.74
CA TYR A 76 -52.61 -22.76 24.36
C TYR A 76 -52.78 -24.21 23.97
N THR A 77 -53.30 -25.01 24.92
CA THR A 77 -53.61 -26.41 24.69
C THR A 77 -55.02 -26.36 24.11
N VAL A 78 -55.26 -27.06 23.01
CA VAL A 78 -56.56 -27.03 22.34
C VAL A 78 -57.21 -28.42 22.20
N LYS A 79 -58.52 -28.48 22.43
CA LYS A 79 -59.31 -29.70 22.26
C LYS A 79 -60.60 -29.24 21.62
N ASP A 80 -60.66 -29.38 20.31
CA ASP A 80 -61.81 -28.97 19.51
C ASP A 80 -62.02 -27.48 19.75
N ASP A 81 -63.20 -27.10 20.25
CA ASP A 81 -63.48 -25.70 20.48
C ASP A 81 -63.06 -25.14 21.86
N LYS A 82 -62.39 -25.95 22.67
CA LYS A 82 -61.94 -25.50 23.99
C LYS A 82 -60.42 -25.29 24.05
N GLU A 83 -59.99 -24.40 24.94
CA GLU A 83 -58.58 -24.07 25.12
C GLU A 83 -58.27 -23.83 26.58
N SER A 84 -57.02 -24.08 26.93
CA SER A 84 -56.53 -23.88 28.28
C SER A 84 -56.11 -22.41 28.40
N VAL A 85 -55.70 -22.01 29.59
CA VAL A 85 -55.18 -20.67 29.78
C VAL A 85 -53.81 -20.81 29.08
N PRO A 86 -53.25 -19.70 28.57
CA PRO A 86 -51.96 -19.86 27.91
C PRO A 86 -50.75 -19.83 28.83
N ILE A 87 -49.61 -20.22 28.26
CA ILE A 87 -48.35 -20.10 28.95
C ILE A 87 -47.73 -19.04 28.03
N SER A 88 -47.48 -17.87 28.61
CA SER A 88 -46.94 -16.74 27.86
C SER A 88 -45.57 -16.35 28.37
N ASP A 89 -44.80 -15.68 27.50
CA ASP A 89 -43.47 -15.20 27.86
C ASP A 89 -43.10 -14.21 26.78
N THR A 90 -42.28 -13.23 27.14
CA THR A 90 -41.91 -12.19 26.18
C THR A 90 -40.43 -12.22 25.77
N ILE A 91 -40.16 -11.87 24.51
CA ILE A 91 -38.81 -11.87 23.95
C ILE A 91 -38.58 -10.72 22.98
N ILE A 92 -37.37 -10.17 23.00
CA ILE A 92 -36.98 -9.09 22.09
C ILE A 92 -35.96 -9.73 21.16
N PRO A 93 -36.34 -10.00 19.92
CA PRO A 93 -35.39 -10.62 18.99
C PRO A 93 -34.15 -9.72 18.81
N ALA A 94 -33.00 -10.35 18.60
CA ALA A 94 -31.75 -9.61 18.42
C ALA A 94 -31.72 -8.80 17.13
N VAL A 95 -30.97 -7.71 17.14
CA VAL A 95 -30.82 -6.86 15.97
C VAL A 95 -29.91 -7.60 15.00
N PRO A 96 -30.28 -7.61 13.71
CA PRO A 96 -29.49 -8.29 12.69
C PRO A 96 -28.20 -7.52 12.45
N PRO A 97 -27.06 -8.21 12.46
CA PRO A 97 -25.82 -7.49 12.23
C PRO A 97 -25.62 -7.38 10.71
N PRO A 98 -24.73 -6.48 10.27
CA PRO A 98 -24.52 -6.40 8.82
C PRO A 98 -23.57 -7.53 8.47
N THR A 99 -23.34 -7.78 7.19
CA THR A 99 -22.41 -8.84 6.80
C THR A 99 -21.56 -8.35 5.65
N ASP A 100 -20.80 -9.25 5.05
CA ASP A 100 -19.98 -8.92 3.88
C ASP A 100 -18.96 -7.77 4.06
N LEU A 101 -18.04 -7.92 5.01
CA LEU A 101 -17.03 -6.90 5.29
C LEU A 101 -15.87 -6.95 4.28
N ARG A 102 -15.82 -5.94 3.41
CA ARG A 102 -14.78 -5.86 2.38
C ARG A 102 -13.85 -4.67 2.66
N PHE A 103 -12.55 -4.88 2.51
CA PHE A 103 -11.57 -3.81 2.71
C PHE A 103 -11.00 -3.46 1.34
N THR A 104 -11.05 -2.18 0.97
CA THR A 104 -10.53 -1.71 -0.30
C THR A 104 -9.79 -0.40 -0.10
N ASN A 105 -9.13 0.10 -1.15
CA ASN A 105 -8.40 1.37 -1.09
C ASN A 105 -7.40 1.42 0.08
N ILE A 106 -6.60 0.36 0.24
CA ILE A 106 -5.64 0.32 1.34
C ILE A 106 -4.39 1.14 1.09
N GLY A 107 -4.22 2.18 1.90
CA GLY A 107 -3.07 3.06 1.79
C GLY A 107 -2.23 2.93 3.04
N PRO A 108 -1.10 3.66 3.12
CA PRO A 108 -0.27 3.54 4.31
C PRO A 108 -0.93 4.06 5.57
N ASP A 109 -1.88 4.98 5.41
CA ASP A 109 -2.57 5.59 6.54
C ASP A 109 -4.09 5.63 6.39
N THR A 110 -4.63 4.83 5.47
CA THR A 110 -6.05 4.83 5.22
C THR A 110 -6.56 3.51 4.63
N MET A 111 -7.87 3.29 4.76
CA MET A 111 -8.53 2.11 4.21
C MET A 111 -10.05 2.33 4.20
N ARG A 112 -10.70 1.83 3.17
CA ARG A 112 -12.14 1.94 3.00
C ARG A 112 -12.74 0.61 3.41
N VAL A 113 -13.68 0.66 4.34
CA VAL A 113 -14.33 -0.55 4.84
C VAL A 113 -15.79 -0.54 4.37
N THR A 114 -16.22 -1.61 3.71
CA THR A 114 -17.59 -1.70 3.20
C THR A 114 -18.31 -2.91 3.78
N TRP A 115 -19.63 -2.78 3.98
CA TRP A 115 -20.44 -3.87 4.51
C TRP A 115 -21.81 -3.92 3.84
N ALA A 116 -22.49 -5.04 4.03
CA ALA A 116 -23.83 -5.28 3.51
C ALA A 116 -24.73 -5.10 4.73
N PRO A 117 -25.57 -4.06 4.71
CA PRO A 117 -26.46 -3.85 5.86
C PRO A 117 -27.55 -4.93 5.93
N PRO A 118 -28.15 -5.12 7.11
CA PRO A 118 -29.21 -6.11 7.31
C PRO A 118 -30.36 -5.77 6.35
N PRO A 119 -30.96 -6.79 5.71
CA PRO A 119 -32.06 -6.47 4.80
C PRO A 119 -33.33 -6.05 5.54
N SER A 120 -34.25 -5.45 4.79
CA SER A 120 -35.54 -5.01 5.30
C SER A 120 -35.62 -4.44 6.73
N ILE A 121 -34.66 -3.62 7.14
CA ILE A 121 -34.71 -3.02 8.47
C ILE A 121 -34.20 -1.59 8.48
N ASP A 122 -34.96 -0.70 9.12
CA ASP A 122 -34.62 0.71 9.22
C ASP A 122 -33.82 0.97 10.47
N LEU A 123 -32.51 0.74 10.37
CA LEU A 123 -31.60 0.94 11.50
C LEU A 123 -31.54 2.40 11.89
N THR A 124 -31.04 2.63 13.09
CA THR A 124 -30.87 3.98 13.60
C THR A 124 -29.53 4.53 13.03
N ASN A 125 -28.57 3.64 12.85
CA ASN A 125 -27.25 3.99 12.34
C ASN A 125 -26.36 2.74 12.46
N PHE A 126 -25.09 2.88 12.12
CA PHE A 126 -24.13 1.79 12.25
C PHE A 126 -23.13 2.32 13.24
N LEU A 127 -22.37 1.42 13.84
CA LEU A 127 -21.39 1.80 14.83
C LEU A 127 -20.05 1.13 14.48
N VAL A 128 -19.12 1.92 13.96
CA VAL A 128 -17.81 1.38 13.60
C VAL A 128 -16.78 1.59 14.70
N ARG A 129 -16.14 0.49 15.09
CA ARG A 129 -15.10 0.51 16.10
C ARG A 129 -13.89 -0.09 15.43
N TYR A 130 -12.73 0.47 15.72
CA TYR A 130 -11.49 -0.02 15.14
C TYR A 130 -10.32 0.34 16.03
N SER A 131 -9.26 -0.47 15.96
CA SER A 131 -8.06 -0.23 16.75
C SER A 131 -6.91 -1.08 16.23
N PRO A 132 -5.67 -0.74 16.61
CA PRO A 132 -4.54 -1.55 16.13
C PRO A 132 -4.60 -2.90 16.85
N VAL A 133 -4.34 -3.96 16.11
CA VAL A 133 -4.37 -5.30 16.69
C VAL A 133 -3.51 -5.40 17.96
N LYS A 134 -2.33 -4.78 17.92
CA LYS A 134 -1.40 -4.79 19.05
C LYS A 134 -1.59 -3.62 20.01
N ASN A 135 -2.68 -2.86 19.82
CA ASN A 135 -2.98 -1.69 20.65
C ASN A 135 -4.50 -1.63 20.82
N GLU A 136 -5.04 -2.72 21.36
CA GLU A 136 -6.46 -2.91 21.59
C GLU A 136 -7.19 -1.77 22.28
N GLU A 137 -6.61 -1.27 23.37
CA GLU A 137 -7.19 -0.18 24.14
C GLU A 137 -7.19 1.17 23.43
N ASP A 138 -6.50 1.25 22.31
CA ASP A 138 -6.43 2.47 21.52
C ASP A 138 -7.53 2.37 20.46
N VAL A 139 -8.78 2.33 20.90
CA VAL A 139 -9.89 2.20 19.97
C VAL A 139 -10.60 3.51 19.69
N ALA A 140 -11.15 3.63 18.50
CA ALA A 140 -11.88 4.81 18.08
C ALA A 140 -13.27 4.36 17.64
N GLU A 141 -14.26 5.22 17.83
CA GLU A 141 -15.63 4.88 17.47
C GLU A 141 -16.23 5.89 16.50
N LEU A 142 -17.10 5.40 15.61
CA LEU A 142 -17.76 6.25 14.62
C LEU A 142 -19.20 5.80 14.39
N SER A 143 -20.12 6.76 14.40
CA SER A 143 -21.52 6.46 14.16
C SER A 143 -21.78 6.83 12.71
N ILE A 144 -22.25 5.86 11.93
CA ILE A 144 -22.50 6.03 10.50
C ILE A 144 -23.99 6.10 10.13
N SER A 145 -24.30 6.94 9.15
CA SER A 145 -25.67 7.09 8.69
C SER A 145 -26.18 5.71 8.29
N PRO A 146 -27.43 5.38 8.63
CA PRO A 146 -27.96 4.07 8.27
C PRO A 146 -28.10 3.90 6.77
N SER A 147 -27.94 5.00 6.03
CA SER A 147 -28.03 4.98 4.57
C SER A 147 -26.66 4.71 3.91
N ASP A 148 -25.62 4.64 4.74
CA ASP A 148 -24.28 4.40 4.23
C ASP A 148 -23.83 2.95 4.50
N ASN A 149 -22.91 2.46 3.69
CA ASN A 149 -22.41 1.09 3.84
C ASN A 149 -20.89 1.06 3.86
N ALA A 150 -20.29 2.22 4.11
CA ALA A 150 -18.85 2.31 4.10
C ALA A 150 -18.33 3.43 5.00
N VAL A 151 -17.04 3.30 5.33
CA VAL A 151 -16.33 4.27 6.15
C VAL A 151 -14.90 4.26 5.64
N VAL A 152 -14.34 5.44 5.43
CA VAL A 152 -12.95 5.56 4.99
C VAL A 152 -12.18 5.96 6.22
N LEU A 153 -11.41 5.04 6.77
CA LEU A 153 -10.61 5.36 7.95
C LEU A 153 -9.40 6.14 7.46
N THR A 154 -8.95 7.09 8.28
CA THR A 154 -7.83 7.95 7.93
C THR A 154 -6.93 8.17 9.13
N ASN A 155 -5.76 8.75 8.87
CA ASN A 155 -4.75 9.05 9.89
C ASN A 155 -4.36 7.78 10.63
N LEU A 156 -4.16 6.71 9.88
CA LEU A 156 -3.79 5.44 10.47
C LEU A 156 -2.27 5.32 10.44
N LEU A 157 -1.72 4.41 11.23
CA LEU A 157 -0.28 4.14 11.29
C LEU A 157 0.03 3.16 10.15
N PRO A 158 1.09 3.41 9.36
CA PRO A 158 1.50 2.56 8.24
C PRO A 158 2.00 1.18 8.67
N GLY A 159 1.80 0.19 7.81
CA GLY A 159 2.22 -1.18 8.11
C GLY A 159 1.71 -1.66 9.44
N THR A 160 0.49 -1.25 9.80
CA THR A 160 -0.10 -1.63 11.07
C THR A 160 -1.39 -2.40 10.84
N GLU A 161 -1.57 -3.53 11.52
CA GLU A 161 -2.79 -4.30 11.38
C GLU A 161 -3.84 -3.75 12.33
N TYR A 162 -5.01 -3.46 11.78
CA TYR A 162 -6.13 -2.93 12.54
C TYR A 162 -7.28 -3.92 12.58
N VAL A 163 -8.02 -3.90 13.68
CA VAL A 163 -9.20 -4.74 13.84
C VAL A 163 -10.33 -3.75 13.60
N VAL A 164 -11.26 -4.11 12.71
CA VAL A 164 -12.38 -3.23 12.40
C VAL A 164 -13.70 -3.99 12.52
N SER A 165 -14.64 -3.41 13.25
CA SER A 165 -15.96 -4.02 13.43
C SER A 165 -17.08 -3.00 13.22
N VAL A 166 -18.11 -3.44 12.51
CA VAL A 166 -19.27 -2.59 12.23
C VAL A 166 -20.50 -3.22 12.89
N SER A 167 -21.23 -2.45 13.68
CA SER A 167 -22.42 -2.96 14.34
C SER A 167 -23.67 -2.18 13.94
N SER A 168 -24.79 -2.89 13.76
CA SER A 168 -26.06 -2.27 13.43
C SER A 168 -26.65 -1.77 14.74
N VAL A 169 -27.48 -0.74 14.66
CA VAL A 169 -28.10 -0.19 15.86
C VAL A 169 -29.55 0.16 15.58
N TYR A 170 -30.39 -0.04 16.59
CA TYR A 170 -31.81 0.29 16.52
C TYR A 170 -32.20 0.70 17.93
N GLU A 171 -32.44 2.00 18.10
CA GLU A 171 -32.79 2.58 19.40
C GLU A 171 -31.61 2.39 20.35
N GLN A 172 -31.68 1.36 21.19
CA GLN A 172 -30.63 1.05 22.14
C GLN A 172 -29.93 -0.21 21.69
N HIS A 173 -30.68 -1.05 21.01
CA HIS A 173 -30.20 -2.33 20.54
C HIS A 173 -29.10 -2.33 19.48
N GLU A 174 -27.95 -2.85 19.87
CA GLU A 174 -26.82 -2.99 18.98
C GLU A 174 -26.67 -4.49 18.67
N SER A 175 -26.33 -4.83 17.44
CA SER A 175 -26.17 -6.23 17.05
C SER A 175 -24.77 -6.77 17.38
N THR A 176 -24.48 -7.97 16.88
CA THR A 176 -23.16 -8.56 17.07
C THR A 176 -22.30 -7.78 16.10
N PRO A 177 -21.04 -7.55 16.43
CA PRO A 177 -20.22 -6.79 15.49
C PRO A 177 -19.77 -7.61 14.29
N LEU A 178 -19.77 -6.97 13.12
CA LEU A 178 -19.27 -7.60 11.91
C LEU A 178 -17.79 -7.24 12.00
N ARG A 179 -16.96 -8.22 12.30
CA ARG A 179 -15.53 -7.99 12.46
C ARG A 179 -14.59 -8.51 11.38
N GLY A 180 -13.46 -7.82 11.24
CA GLY A 180 -12.44 -8.20 10.27
C GLY A 180 -11.14 -7.46 10.56
N ARG A 181 -10.03 -7.95 10.04
CA ARG A 181 -8.71 -7.33 10.23
C ARG A 181 -8.10 -6.90 8.90
N GLN A 182 -7.27 -5.87 8.94
CA GLN A 182 -6.64 -5.37 7.73
C GLN A 182 -5.43 -4.53 8.10
N LYS A 183 -4.31 -4.82 7.45
CA LYS A 183 -3.07 -4.12 7.68
C LYS A 183 -2.92 -2.97 6.71
N THR A 184 -2.44 -1.83 7.18
CA THR A 184 -2.24 -0.68 6.31
C THR A 184 -0.96 -0.93 5.51
N GLY A 185 -0.80 -0.19 4.42
CA GLY A 185 0.36 -0.36 3.59
C GLY A 185 1.63 0.25 4.18
N LEU A 186 2.72 0.10 3.45
CA LEU A 186 3.98 0.63 3.89
C LEU A 186 4.14 2.06 3.36
N ASP A 187 4.67 2.94 4.20
CA ASP A 187 4.89 4.32 3.77
C ASP A 187 6.22 4.34 3.05
N SER A 188 6.35 5.27 2.12
CA SER A 188 7.56 5.38 1.31
C SER A 188 8.72 5.99 2.06
N PRO A 189 9.95 5.66 1.66
CA PRO A 189 11.11 6.24 2.35
C PRO A 189 11.10 7.68 1.85
N THR A 190 11.80 8.58 2.51
CA THR A 190 11.78 9.97 2.04
C THR A 190 13.19 10.55 1.96
N GLY A 191 13.26 11.81 1.55
CA GLY A 191 14.51 12.52 1.48
C GLY A 191 15.66 11.90 0.72
N ILE A 192 15.40 11.45 -0.51
CA ILE A 192 16.46 10.85 -1.34
C ILE A 192 17.52 11.94 -1.44
N ASP A 193 18.78 11.54 -1.28
CA ASP A 193 19.87 12.48 -1.30
C ASP A 193 21.13 11.76 -1.83
N PHE A 194 21.90 12.45 -2.67
CA PHE A 194 23.10 11.86 -3.27
C PHE A 194 24.44 12.50 -2.84
N SER A 195 25.48 11.68 -2.68
CA SER A 195 26.82 12.18 -2.32
C SER A 195 27.91 11.31 -2.98
N ASP A 196 29.19 11.65 -2.75
CA ASP A 196 30.33 10.91 -3.31
C ASP A 196 30.20 10.72 -4.81
N ILE A 197 29.74 11.75 -5.50
CA ILE A 197 29.53 11.70 -6.93
C ILE A 197 30.84 11.72 -7.71
N THR A 198 31.02 10.71 -8.56
CA THR A 198 32.22 10.60 -9.37
C THR A 198 31.81 10.49 -10.83
N ALA A 199 32.71 9.96 -11.65
CA ALA A 199 32.44 9.80 -13.08
C ALA A 199 31.74 8.48 -13.34
N ASN A 200 31.90 7.54 -12.43
CA ASN A 200 31.30 6.23 -12.62
C ASN A 200 30.59 5.71 -11.37
N SER A 201 30.16 6.60 -10.50
CA SER A 201 29.48 6.20 -9.28
C SER A 201 28.97 7.38 -8.47
N PHE A 202 28.17 7.05 -7.46
CA PHE A 202 27.60 8.00 -6.50
C PHE A 202 26.84 7.23 -5.44
N THR A 203 26.78 7.81 -4.25
CA THR A 203 26.10 7.22 -3.12
C THR A 203 24.72 7.85 -2.95
N VAL A 204 23.72 6.96 -2.83
CA VAL A 204 22.31 7.29 -2.67
C VAL A 204 21.95 7.10 -1.20
N HIS A 205 21.23 8.06 -0.63
CA HIS A 205 20.77 8.03 0.76
C HIS A 205 19.27 8.27 0.78
N TRP A 206 18.61 7.76 1.80
CA TRP A 206 17.16 7.91 1.95
C TRP A 206 16.82 7.78 3.43
N ILE A 207 15.62 8.23 3.79
CA ILE A 207 15.17 8.18 5.18
C ILE A 207 14.16 7.04 5.33
N ALA A 208 14.37 6.22 6.33
CA ALA A 208 13.49 5.08 6.59
C ALA A 208 12.04 5.49 6.85
N PRO A 209 11.09 4.62 6.46
CA PRO A 209 9.67 4.93 6.67
C PRO A 209 9.27 4.56 8.11
N ARG A 210 8.10 4.98 8.54
CA ARG A 210 7.60 4.67 9.88
C ARG A 210 7.31 3.16 10.05
N ALA A 211 6.71 2.56 9.03
CA ALA A 211 6.37 1.15 9.06
C ALA A 211 7.55 0.22 9.21
N THR A 212 7.29 -0.97 9.73
CA THR A 212 8.31 -1.99 9.89
C THR A 212 8.54 -2.62 8.52
N ILE A 213 9.80 -2.67 8.12
CA ILE A 213 10.20 -3.22 6.83
C ILE A 213 11.38 -4.17 7.02
N THR A 214 11.69 -4.92 5.97
CA THR A 214 12.80 -5.86 6.02
C THR A 214 13.96 -5.43 5.11
N GLY A 215 13.68 -4.51 4.19
CA GLY A 215 14.71 -4.05 3.30
C GLY A 215 14.17 -3.02 2.33
N TYR A 216 14.92 -2.83 1.24
CA TYR A 216 14.58 -1.88 0.20
C TYR A 216 15.04 -2.43 -1.12
N ARG A 217 14.40 -1.97 -2.18
CA ARG A 217 14.78 -2.36 -3.53
C ARG A 217 15.05 -1.05 -4.25
N ILE A 218 16.32 -0.82 -4.55
CA ILE A 218 16.77 0.37 -5.25
C ILE A 218 16.89 -0.01 -6.73
N ARG A 219 16.49 0.90 -7.61
CA ARG A 219 16.54 0.62 -9.03
C ARG A 219 17.06 1.89 -9.71
N HIS A 220 17.95 1.76 -10.67
CA HIS A 220 18.50 2.94 -11.34
C HIS A 220 18.69 2.71 -12.83
N HIS A 221 18.61 3.80 -13.59
CA HIS A 221 18.75 3.71 -15.04
C HIS A 221 18.93 5.08 -15.65
N PRO A 222 19.59 5.15 -16.83
CA PRO A 222 19.79 6.44 -17.51
C PRO A 222 18.56 6.61 -18.42
N GLU A 223 18.50 7.69 -19.20
CA GLU A 223 17.34 7.92 -20.06
C GLU A 223 17.06 6.77 -21.04
N HIS A 224 18.10 6.22 -21.66
CA HIS A 224 17.91 5.13 -22.60
C HIS A 224 18.78 3.94 -22.24
N PHE A 225 18.16 2.77 -22.20
CA PHE A 225 18.86 1.54 -21.86
C PHE A 225 18.13 0.37 -22.49
N SER A 226 18.89 -0.61 -22.96
CA SER A 226 18.35 -1.78 -23.63
C SER A 226 17.39 -2.71 -22.90
N GLY A 227 17.84 -3.34 -21.81
CA GLY A 227 16.99 -4.29 -21.12
C GLY A 227 16.35 -3.98 -19.77
N ARG A 228 16.65 -4.82 -18.78
CA ARG A 228 16.10 -4.65 -17.44
C ARG A 228 17.01 -3.71 -16.63
N PRO A 229 16.41 -2.71 -15.94
CA PRO A 229 17.19 -1.77 -15.14
C PRO A 229 17.85 -2.56 -14.02
N ARG A 230 19.08 -2.18 -13.67
CA ARG A 230 19.81 -2.87 -12.60
C ARG A 230 19.21 -2.49 -11.25
N GLU A 231 19.07 -3.48 -10.39
CA GLU A 231 18.47 -3.30 -9.07
C GLU A 231 19.35 -3.86 -7.96
N ASP A 232 19.11 -3.36 -6.75
CA ASP A 232 19.83 -3.78 -5.56
C ASP A 232 18.81 -4.06 -4.46
N ARG A 233 19.00 -5.14 -3.71
CA ARG A 233 18.08 -5.52 -2.63
C ARG A 233 18.90 -5.51 -1.34
N VAL A 234 18.61 -4.58 -0.45
CA VAL A 234 19.36 -4.47 0.80
C VAL A 234 18.50 -4.72 2.03
N PRO A 235 19.14 -4.99 3.18
CA PRO A 235 18.44 -5.23 4.46
C PRO A 235 17.92 -3.92 5.03
N HIS A 236 16.97 -4.00 5.95
CA HIS A 236 16.37 -2.82 6.56
C HIS A 236 17.38 -1.95 7.30
N SER A 237 18.54 -2.52 7.62
CA SER A 237 19.58 -1.80 8.32
C SER A 237 20.29 -0.75 7.46
N ARG A 238 20.10 -0.83 6.14
CA ARG A 238 20.74 0.10 5.20
C ARG A 238 19.91 1.32 4.80
N ASN A 239 20.54 2.50 4.79
CA ASN A 239 19.85 3.72 4.40
C ASN A 239 20.62 4.49 3.31
N SER A 240 21.55 3.77 2.67
CA SER A 240 22.35 4.34 1.58
C SER A 240 22.94 3.21 0.75
N ILE A 241 23.38 3.53 -0.45
CA ILE A 241 24.02 2.55 -1.31
C ILE A 241 24.87 3.34 -2.32
N THR A 242 26.05 2.80 -2.63
CA THR A 242 26.93 3.44 -3.58
C THR A 242 26.76 2.67 -4.89
N LEU A 243 26.20 3.31 -5.90
CA LEU A 243 26.01 2.66 -7.19
C LEU A 243 27.30 2.82 -7.96
N THR A 244 27.78 1.72 -8.53
CA THR A 244 29.04 1.68 -9.27
C THR A 244 28.89 1.26 -10.72
N ASN A 245 29.95 1.44 -11.50
CA ASN A 245 29.99 1.11 -12.91
C ASN A 245 29.06 1.98 -13.72
N LEU A 246 28.89 3.22 -13.30
CA LEU A 246 28.00 4.11 -14.01
C LEU A 246 28.82 4.77 -15.12
N THR A 247 28.14 5.19 -16.19
CA THR A 247 28.82 5.82 -17.31
C THR A 247 29.00 7.31 -16.97
N PRO A 248 30.15 7.90 -17.36
CA PRO A 248 30.45 9.32 -17.10
C PRO A 248 29.43 10.28 -17.67
N GLY A 249 29.29 11.42 -16.99
CA GLY A 249 28.37 12.47 -17.39
C GLY A 249 26.99 11.96 -17.76
N THR A 250 26.44 11.06 -16.96
CA THR A 250 25.13 10.51 -17.27
C THR A 250 24.10 10.70 -16.16
N GLU A 251 22.91 11.10 -16.57
CA GLU A 251 21.80 11.32 -15.65
C GLU A 251 21.14 9.97 -15.32
N TYR A 252 20.94 9.73 -14.03
CA TYR A 252 20.31 8.50 -13.60
C TYR A 252 19.04 8.75 -12.78
N VAL A 253 18.03 7.95 -13.05
CA VAL A 253 16.78 8.02 -12.31
C VAL A 253 16.91 6.88 -11.29
N VAL A 254 16.82 7.22 -10.01
CA VAL A 254 16.94 6.24 -8.93
C VAL A 254 15.60 6.12 -8.21
N SER A 255 15.11 4.89 -8.06
CA SER A 255 13.86 4.63 -7.36
C SER A 255 14.12 3.66 -6.21
N ILE A 256 13.47 3.94 -5.08
CA ILE A 256 13.63 3.12 -3.90
C ILE A 256 12.26 2.83 -3.32
N VAL A 257 12.00 1.56 -3.00
CA VAL A 257 10.75 1.18 -2.37
C VAL A 257 11.16 0.41 -1.14
N ALA A 258 10.39 0.57 -0.08
CA ALA A 258 10.65 -0.16 1.16
C ALA A 258 9.86 -1.46 0.95
N LEU A 259 10.34 -2.53 1.54
CA LEU A 259 9.69 -3.82 1.37
C LEU A 259 9.50 -4.52 2.71
N ASN A 260 8.51 -5.39 2.77
CA ASN A 260 8.26 -6.19 3.96
C ASN A 260 7.60 -7.43 3.43
N GLY A 261 8.40 -8.46 3.19
CA GLY A 261 7.87 -9.68 2.63
C GLY A 261 7.47 -9.29 1.22
N ARG A 262 6.32 -9.74 0.77
CA ARG A 262 5.87 -9.40 -0.57
C ARG A 262 5.26 -7.98 -0.61
N GLU A 263 5.26 -7.30 0.52
CA GLU A 263 4.69 -5.95 0.62
C GLU A 263 5.67 -4.87 0.20
N GLU A 264 5.20 -3.96 -0.66
CA GLU A 264 6.03 -2.89 -1.15
C GLU A 264 5.38 -1.56 -0.85
N SER A 265 6.20 -0.52 -0.72
CA SER A 265 5.69 0.81 -0.45
C SER A 265 5.68 1.56 -1.76
N PRO A 266 5.10 2.76 -1.78
CA PRO A 266 5.12 3.50 -3.05
C PRO A 266 6.59 3.90 -3.27
N LEU A 267 6.90 4.40 -4.46
CA LEU A 267 8.27 4.79 -4.78
C LEU A 267 8.75 6.12 -4.23
N LEU A 268 10.04 6.19 -3.95
CA LEU A 268 10.71 7.41 -3.54
C LEU A 268 11.57 7.54 -4.80
N ILE A 269 11.43 8.63 -5.53
CA ILE A 269 12.20 8.77 -6.76
C ILE A 269 13.10 9.99 -6.77
N GLY A 270 14.17 9.92 -7.55
CA GLY A 270 15.12 11.00 -7.68
C GLY A 270 15.95 10.83 -8.93
N GLN A 271 16.78 11.82 -9.24
CA GLN A 271 17.65 11.80 -10.42
C GLN A 271 19.00 12.35 -10.03
N GLN A 272 20.07 11.81 -10.61
CA GLN A 272 21.41 12.27 -10.32
C GLN A 272 22.33 11.93 -11.46
N SER A 273 23.08 12.94 -11.91
CA SER A 273 24.03 12.79 -13.00
C SER A 273 25.44 12.54 -12.48
N THR A 274 26.19 11.68 -13.16
CA THR A 274 27.56 11.42 -12.77
C THR A 274 28.39 12.57 -13.34
N VAL A 275 29.53 12.81 -12.74
CA VAL A 275 30.43 13.85 -13.18
C VAL A 275 31.03 13.40 -14.51
N SER A 276 31.28 14.37 -15.39
CA SER A 276 31.90 14.09 -16.68
C SER A 276 33.41 14.07 -16.50
N ASP A 277 34.06 13.04 -17.02
CA ASP A 277 35.51 12.92 -16.92
C ASP A 277 36.22 13.45 -18.17
N VAL A 278 35.45 14.10 -19.05
CA VAL A 278 35.97 14.64 -20.30
C VAL A 278 36.50 16.06 -20.15
N PRO A 279 37.70 16.34 -20.69
CA PRO A 279 38.24 17.70 -20.59
C PRO A 279 37.30 18.66 -21.33
N ARG A 280 37.49 19.96 -21.14
CA ARG A 280 36.65 20.92 -21.83
C ARG A 280 37.38 22.18 -22.23
N ASP A 281 36.72 22.96 -23.08
CA ASP A 281 37.22 24.23 -23.57
C ASP A 281 38.65 24.16 -24.11
N LEU A 282 38.94 23.07 -24.81
CA LEU A 282 40.25 22.88 -25.43
C LEU A 282 40.37 23.97 -26.50
N GLU A 283 41.49 24.69 -26.48
CA GLU A 283 41.73 25.75 -27.43
C GLU A 283 43.20 26.03 -27.60
N VAL A 284 43.51 26.83 -28.62
CA VAL A 284 44.87 27.24 -28.93
C VAL A 284 45.11 28.63 -28.33
N VAL A 285 46.00 28.68 -27.33
CA VAL A 285 46.35 29.91 -26.62
C VAL A 285 47.42 30.77 -27.31
N ALA A 286 48.42 30.10 -27.87
CA ALA A 286 49.52 30.76 -28.57
C ALA A 286 49.77 29.93 -29.83
N ALA A 287 50.61 30.44 -30.74
CA ALA A 287 50.93 29.72 -31.98
C ALA A 287 52.05 30.33 -32.82
N THR A 288 52.86 29.47 -33.41
CA THR A 288 53.96 29.90 -34.26
C THR A 288 53.77 29.17 -35.61
N PRO A 289 54.64 29.43 -36.59
CA PRO A 289 54.51 28.76 -37.90
C PRO A 289 54.74 27.25 -37.88
N THR A 290 55.14 26.71 -36.74
CA THR A 290 55.39 25.29 -36.62
C THR A 290 54.95 24.74 -35.26
N SER A 291 54.08 25.48 -34.58
CA SER A 291 53.63 25.07 -33.27
C SER A 291 52.30 25.67 -32.84
N LEU A 292 51.75 25.12 -31.77
CA LEU A 292 50.50 25.56 -31.17
C LEU A 292 50.61 25.30 -29.68
N LEU A 293 50.23 26.28 -28.88
CA LEU A 293 50.24 26.11 -27.43
C LEU A 293 48.75 25.92 -27.12
N ILE A 294 48.40 24.71 -26.72
CA ILE A 294 47.01 24.41 -26.42
C ILE A 294 46.73 24.44 -24.93
N SER A 295 45.46 24.69 -24.61
CA SER A 295 45.00 24.78 -23.24
C SER A 295 43.59 24.17 -23.16
N TRP A 296 43.24 23.65 -22.00
CA TRP A 296 41.92 23.07 -21.80
C TRP A 296 41.61 23.11 -20.31
N ASP A 297 40.36 22.84 -19.95
CA ASP A 297 39.96 22.84 -18.55
C ASP A 297 39.77 21.43 -18.07
N ALA A 298 40.54 21.09 -17.04
CA ALA A 298 40.51 19.78 -16.42
C ALA A 298 39.11 19.40 -16.01
N PRO A 299 38.76 18.12 -16.17
CA PRO A 299 37.41 17.72 -15.78
C PRO A 299 37.40 17.61 -14.25
N ALA A 300 36.22 17.65 -13.66
CA ALA A 300 36.05 17.56 -12.21
C ALA A 300 36.32 16.17 -11.63
N VAL A 301 37.43 15.56 -12.05
CA VAL A 301 37.85 14.24 -11.58
C VAL A 301 39.37 14.24 -11.52
N THR A 302 39.95 13.24 -10.87
CA THR A 302 41.40 13.16 -10.78
C THR A 302 41.94 12.47 -12.03
N VAL A 303 42.72 13.21 -12.80
CA VAL A 303 43.31 12.71 -14.02
C VAL A 303 44.76 12.33 -13.74
N ARG A 304 45.13 11.11 -14.07
CA ARG A 304 46.51 10.67 -13.87
C ARG A 304 47.42 11.42 -14.83
N TYR A 305 46.98 11.52 -16.09
CA TYR A 305 47.71 12.24 -17.13
C TYR A 305 46.77 12.39 -18.30
N TYR A 306 47.09 13.31 -19.20
CA TYR A 306 46.28 13.55 -20.39
C TYR A 306 47.02 13.02 -21.59
N ARG A 307 46.28 12.51 -22.57
CA ARG A 307 46.85 12.00 -23.81
C ARG A 307 46.39 12.96 -24.91
N ILE A 308 47.35 13.55 -25.59
CA ILE A 308 47.10 14.50 -26.66
C ILE A 308 47.47 13.83 -27.98
N THR A 309 46.63 13.96 -29.00
CA THR A 309 46.93 13.40 -30.32
C THR A 309 46.70 14.50 -31.31
N TYR A 310 47.49 14.49 -32.37
CA TYR A 310 47.36 15.50 -33.41
C TYR A 310 47.71 14.90 -34.76
N GLY A 311 46.98 15.33 -35.77
CA GLY A 311 47.21 14.85 -37.10
C GLY A 311 46.43 15.75 -38.03
N GLU A 312 46.89 15.87 -39.26
CA GLU A 312 46.26 16.69 -40.27
C GLU A 312 44.79 16.36 -40.39
N THR A 313 43.94 17.37 -40.31
CA THR A 313 42.51 17.19 -40.38
C THR A 313 42.17 16.46 -41.67
N GLY A 314 41.39 15.40 -41.56
CA GLY A 314 41.03 14.61 -42.73
C GLY A 314 42.21 13.90 -43.38
N GLY A 315 43.32 13.82 -42.65
CA GLY A 315 44.49 13.15 -43.17
C GLY A 315 44.33 11.65 -43.28
N ASN A 316 43.64 11.05 -42.31
CA ASN A 316 43.41 9.60 -42.26
C ASN A 316 44.62 8.76 -41.86
N SER A 317 45.82 9.35 -41.90
CA SER A 317 47.05 8.65 -41.52
C SER A 317 47.19 8.59 -39.99
N PRO A 318 48.14 7.81 -39.46
CA PRO A 318 48.31 7.72 -38.01
C PRO A 318 48.56 9.06 -37.31
N VAL A 319 47.85 9.29 -36.20
CA VAL A 319 48.01 10.51 -35.43
C VAL A 319 49.26 10.36 -34.56
N GLN A 320 49.86 11.47 -34.18
CA GLN A 320 51.02 11.43 -33.31
C GLN A 320 50.48 11.79 -31.95
N GLU A 321 51.12 11.31 -30.90
CA GLU A 321 50.66 11.60 -29.55
C GLU A 321 51.75 11.63 -28.51
N PHE A 322 51.41 12.19 -27.36
CA PHE A 322 52.31 12.31 -26.22
C PHE A 322 51.41 12.57 -25.01
N THR A 323 51.98 12.57 -23.82
CA THR A 323 51.20 12.80 -22.62
C THR A 323 51.55 14.08 -21.91
N VAL A 324 50.72 14.42 -20.93
CA VAL A 324 50.90 15.60 -20.10
C VAL A 324 50.48 15.13 -18.70
N PRO A 325 51.19 15.56 -17.64
CA PRO A 325 50.81 15.12 -16.30
C PRO A 325 49.41 15.62 -15.96
N GLY A 326 48.71 14.86 -15.12
CA GLY A 326 47.37 15.23 -14.74
C GLY A 326 47.26 16.60 -14.10
N SER A 327 48.34 17.03 -13.46
CA SER A 327 48.38 18.33 -12.79
C SER A 327 48.45 19.53 -13.72
N LYS A 328 48.70 19.31 -15.01
CA LYS A 328 48.77 20.44 -15.93
C LYS A 328 47.84 20.37 -17.14
N SER A 329 47.21 21.51 -17.44
CA SER A 329 46.26 21.63 -18.54
C SER A 329 46.73 22.51 -19.67
N THR A 330 48.01 22.41 -20.00
CA THR A 330 48.62 23.16 -21.08
C THR A 330 49.61 22.26 -21.81
N ALA A 331 49.83 22.53 -23.10
CA ALA A 331 50.78 21.76 -23.86
C ALA A 331 51.22 22.52 -25.10
N THR A 332 52.38 22.15 -25.62
CA THR A 332 52.91 22.78 -26.80
C THR A 332 53.09 21.66 -27.80
N ILE A 333 52.64 21.87 -29.03
CA ILE A 333 52.77 20.87 -30.07
C ILE A 333 53.71 21.46 -31.11
N SER A 334 54.97 21.04 -31.03
CA SER A 334 56.01 21.55 -31.92
C SER A 334 56.12 20.86 -33.28
N GLY A 335 56.93 21.46 -34.13
CA GLY A 335 57.20 20.92 -35.46
C GLY A 335 56.06 20.76 -36.44
N LEU A 336 54.93 21.40 -36.18
CA LEU A 336 53.80 21.29 -37.09
C LEU A 336 54.17 21.84 -38.47
N LYS A 337 53.21 21.88 -39.38
CA LYS A 337 53.45 22.39 -40.72
C LYS A 337 52.36 23.40 -41.04
N PRO A 338 52.75 24.59 -41.54
CA PRO A 338 51.78 25.63 -41.89
C PRO A 338 50.98 25.21 -43.12
N GLY A 339 49.78 25.78 -43.27
CA GLY A 339 48.94 25.42 -44.39
C GLY A 339 48.47 23.99 -44.23
N VAL A 340 48.45 23.53 -42.99
CA VAL A 340 48.04 22.18 -42.65
C VAL A 340 47.07 22.22 -41.48
N ASP A 341 45.80 21.96 -41.78
CA ASP A 341 44.77 21.93 -40.75
C ASP A 341 45.12 20.74 -39.84
N TYR A 342 45.17 20.98 -38.53
CA TYR A 342 45.50 19.92 -37.58
C TYR A 342 44.38 19.66 -36.59
N THR A 343 43.96 18.40 -36.47
CA THR A 343 42.92 18.06 -35.49
C THR A 343 43.66 17.66 -34.21
N ILE A 344 43.41 18.40 -33.13
CA ILE A 344 44.06 18.16 -31.85
C ILE A 344 43.04 17.57 -30.89
N THR A 345 43.38 16.43 -30.28
CA THR A 345 42.48 15.75 -29.36
C THR A 345 43.18 15.60 -28.02
N VAL A 346 42.39 15.62 -26.95
CA VAL A 346 42.90 15.47 -25.58
C VAL A 346 41.98 14.52 -24.83
N TYR A 347 42.57 13.56 -24.10
CA TYR A 347 41.84 12.57 -23.31
C TYR A 347 42.35 12.63 -21.89
N ALA A 348 41.46 12.42 -20.93
CA ALA A 348 41.84 12.43 -19.52
C ALA A 348 42.00 11.00 -19.07
N VAL A 349 43.23 10.54 -18.90
CA VAL A 349 43.45 9.17 -18.44
C VAL A 349 43.41 9.15 -16.90
N THR A 350 42.40 8.45 -16.40
CA THR A 350 42.13 8.34 -14.97
C THR A 350 42.51 6.97 -14.40
N GLY A 351 42.51 5.95 -15.26
CA GLY A 351 42.84 4.62 -14.81
C GLY A 351 44.32 4.33 -14.80
N ARG A 352 44.67 3.07 -14.54
CA ARG A 352 46.06 2.67 -14.49
C ARG A 352 46.25 1.28 -15.09
N GLY A 353 47.44 0.73 -14.92
CA GLY A 353 47.72 -0.59 -15.47
C GLY A 353 48.04 -0.47 -16.95
N ASP A 354 47.99 -1.58 -17.67
CA ASP A 354 48.29 -1.60 -19.10
C ASP A 354 47.17 -1.01 -19.93
N SER A 355 45.96 -1.04 -19.40
CA SER A 355 44.81 -0.49 -20.10
C SER A 355 44.08 0.50 -19.20
N PRO A 356 44.67 1.68 -19.05
CA PRO A 356 44.16 2.77 -18.24
C PRO A 356 42.80 3.22 -18.72
N ALA A 357 41.93 3.58 -17.77
CA ALA A 357 40.61 4.09 -18.09
C ALA A 357 40.82 5.52 -18.57
N SER A 358 40.27 5.82 -19.73
CA SER A 358 40.39 7.15 -20.29
C SER A 358 39.01 7.68 -20.58
N SER A 359 38.88 9.00 -20.48
CA SER A 359 37.63 9.67 -20.73
C SER A 359 37.41 9.64 -22.23
N LYS A 360 36.23 10.11 -22.65
CA LYS A 360 35.93 10.22 -24.07
C LYS A 360 36.74 11.44 -24.48
N PRO A 361 37.09 11.55 -25.76
CA PRO A 361 37.87 12.68 -26.28
C PRO A 361 37.16 13.99 -26.51
N ILE A 362 37.96 15.05 -26.54
CA ILE A 362 37.50 16.39 -26.86
C ILE A 362 38.59 16.88 -27.81
N SER A 363 38.18 17.43 -28.94
CA SER A 363 39.13 17.91 -29.91
C SER A 363 38.66 19.17 -30.61
N ILE A 364 39.55 19.71 -31.44
CA ILE A 364 39.30 20.90 -32.24
C ILE A 364 40.10 20.72 -33.51
N ASN A 365 39.88 21.60 -34.47
CA ASN A 365 40.63 21.60 -35.73
C ASN A 365 41.23 22.98 -35.77
N TYR A 366 42.53 23.09 -36.02
CA TYR A 366 43.13 24.42 -36.07
C TYR A 366 43.36 25.04 -37.44
N ARG A 367 42.97 26.30 -37.52
CA ARG A 367 43.09 27.15 -38.69
C ARG A 367 44.51 27.71 -38.84
N THR A 368 45.34 27.06 -39.65
CA THR A 368 46.72 27.52 -39.87
C THR A 368 47.21 27.27 -41.30
#